data_4YQG
#
_entry.id   4YQG
#
_cell.length_a   94.218
_cell.length_b   94.218
_cell.length_c   178.036
_cell.angle_alpha   90.000
_cell.angle_beta   90.000
_cell.angle_gamma   120.000
#
_symmetry.space_group_name_H-M   'H 3 2'
#
loop_
_entity.id
_entity.type
_entity.pdbx_description
1 polymer 'tRNA (guanine-N(1)-)-methyltransferase'
2 non-polymer 4-amino-N-(cyclohexylmethyl)-1,2,5-oxadiazole-3-carboxamide
3 water water
#
_entity_poly.entity_id   1
_entity_poly.type   'polypeptide(L)'
_entity_poly.pdbx_seq_one_letter_code
;GLVPRGSHMWIGVISLFPEMFKAITEFGVTGRAVKHNLLKVECWNPRDFTFDKHKTVDDRPYGGGPGMLMMVQPLRDAIH
TAKAAAGEGAKVIYLSPQGRKLDQGGVTELAQNQKLILVCGRYEGIDERLIQTEIDEEWSIGDYVLTGGELPAMTLIDAV
ARFIPGVLGKQASAEEDSFADGLLDCPHYTRPEVLEGLTVPPVLMSGHHEEIRKWRLKQSLQRTWLRRPELLEGLALTDE
QRKLLKEAQAEHNS
;
_entity_poly.pdbx_strand_id   A
#
loop_
_chem_comp.id
_chem_comp.type
_chem_comp.name
_chem_comp.formula
4GY non-polymer 4-amino-N-(cyclohexylmethyl)-1,2,5-oxadiazole-3-carboxamide 'C10 H16 N4 O2'
#
# COMPACT_ATOMS: atom_id res chain seq x y z
N GLY A 6 -19.04 6.89 2.12
CA GLY A 6 -19.62 7.97 1.34
C GLY A 6 -18.83 8.22 0.06
N SER A 7 -17.55 8.55 0.23
CA SER A 7 -16.65 8.74 -0.90
C SER A 7 -16.00 7.41 -1.28
N HIS A 8 -16.81 6.49 -1.78
CA HIS A 8 -16.36 5.14 -2.13
C HIS A 8 -15.26 5.19 -3.18
N MET A 9 -14.55 4.06 -3.33
CA MET A 9 -13.41 4.00 -4.23
C MET A 9 -13.53 2.82 -5.17
N TRP A 10 -13.18 3.04 -6.44
CA TRP A 10 -13.20 1.98 -7.44
C TRP A 10 -11.79 1.68 -7.91
N ILE A 11 -11.37 0.43 -7.82
CA ILE A 11 -10.03 0.08 -8.27
C ILE A 11 -10.07 -1.06 -9.28
N GLY A 12 -9.65 -0.75 -10.50
CA GLY A 12 -9.53 -1.74 -11.54
C GLY A 12 -8.18 -2.42 -11.45
N VAL A 13 -8.15 -3.72 -11.73
CA VAL A 13 -6.91 -4.47 -11.66
C VAL A 13 -6.68 -5.29 -12.92
N ILE A 14 -5.46 -5.18 -13.46
CA ILE A 14 -5.02 -6.02 -14.58
C ILE A 14 -4.05 -7.05 -14.03
N SER A 15 -4.41 -8.33 -14.10
CA SER A 15 -3.61 -9.39 -13.50
C SER A 15 -3.87 -10.75 -14.11
N LEU A 16 -2.80 -11.53 -14.25
CA LEU A 16 -2.89 -12.91 -14.73
C LEU A 16 -3.40 -13.85 -13.64
N PHE A 17 -3.43 -13.35 -12.40
CA PHE A 17 -3.92 -14.15 -11.27
C PHE A 17 -4.92 -13.38 -10.43
N PRO A 18 -6.11 -13.10 -10.99
CA PRO A 18 -7.12 -12.29 -10.31
C PRO A 18 -7.58 -12.88 -8.99
N GLU A 19 -7.51 -14.20 -8.85
CA GLU A 19 -7.97 -14.85 -7.64
C GLU A 19 -7.09 -14.55 -6.44
N MET A 20 -5.89 -14.01 -6.68
CA MET A 20 -5.03 -13.57 -5.58
C MET A 20 -5.72 -12.47 -4.76
N PHE A 21 -6.54 -11.66 -5.43
CA PHE A 21 -7.12 -10.49 -4.81
C PHE A 21 -8.27 -10.86 -3.85
N LYS A 22 -8.65 -12.13 -3.84
CA LYS A 22 -9.57 -12.62 -2.81
C LYS A 22 -8.99 -12.39 -1.41
N ALA A 23 -7.66 -12.32 -1.32
CA ALA A 23 -7.00 -12.13 -0.03
C ALA A 23 -7.44 -10.82 0.63
N ILE A 24 -7.72 -9.79 -0.17
CA ILE A 24 -8.19 -8.54 0.41
C ILE A 24 -9.70 -8.33 0.26
N THR A 25 -10.32 -8.96 -0.73
CA THR A 25 -11.74 -8.70 -0.96
C THR A 25 -12.65 -9.59 -0.12
N GLU A 26 -12.10 -10.66 0.46
CA GLU A 26 -12.93 -11.61 1.20
C GLU A 26 -12.64 -11.67 2.69
N PHE A 27 -11.68 -10.88 3.17
CA PHE A 27 -11.22 -11.01 4.54
C PHE A 27 -10.95 -9.68 5.23
N GLY A 28 -11.24 -9.66 6.53
CA GLY A 28 -10.89 -8.53 7.38
C GLY A 28 -11.56 -7.21 7.02
N VAL A 29 -10.89 -6.13 7.40
CA VAL A 29 -11.38 -4.78 7.19
C VAL A 29 -11.67 -4.48 5.73
N THR A 30 -10.77 -4.87 4.84
CA THR A 30 -10.95 -4.61 3.42
C THR A 30 -12.07 -5.48 2.84
N GLY A 31 -12.23 -6.68 3.40
CA GLY A 31 -13.31 -7.57 3.00
C GLY A 31 -14.65 -6.94 3.34
N ARG A 32 -14.73 -6.35 4.53
CA ARG A 32 -15.95 -5.67 4.95
C ARG A 32 -16.22 -4.46 4.05
N ALA A 33 -15.17 -3.73 3.70
CA ALA A 33 -15.31 -2.56 2.82
C ALA A 33 -15.91 -2.93 1.47
N VAL A 34 -15.50 -4.07 0.93
CA VAL A 34 -16.02 -4.55 -0.34
C VAL A 34 -17.48 -4.97 -0.22
N LYS A 35 -17.79 -5.76 0.81
CA LYS A 35 -19.16 -6.20 1.06
C LYS A 35 -20.12 -5.02 1.24
N HIS A 36 -19.62 -3.94 1.87
CA HIS A 36 -20.43 -2.76 2.14
C HIS A 36 -20.41 -1.75 1.01
N ASN A 37 -19.83 -2.12 -0.12
CA ASN A 37 -19.78 -1.28 -1.32
C ASN A 37 -19.02 0.03 -1.11
N LEU A 38 -18.15 0.06 -0.11
CA LEU A 38 -17.30 1.21 0.13
C LEU A 38 -16.10 1.15 -0.80
N LEU A 39 -15.70 -0.07 -1.11
CA LEU A 39 -14.59 -0.32 -2.03
C LEU A 39 -15.04 -1.35 -3.05
N LYS A 40 -14.72 -1.10 -4.31
CA LYS A 40 -14.98 -2.08 -5.35
C LYS A 40 -13.68 -2.41 -6.08
N VAL A 41 -13.37 -3.70 -6.16
CA VAL A 41 -12.19 -4.15 -6.88
C VAL A 41 -12.64 -5.00 -8.06
N GLU A 42 -12.31 -4.56 -9.27
CA GLU A 42 -12.71 -5.23 -10.49
C GLU A 42 -11.47 -5.67 -11.26
N CYS A 43 -11.42 -6.94 -11.63
CA CYS A 43 -10.23 -7.52 -12.26
C CYS A 43 -10.44 -7.91 -13.73
N TRP A 44 -9.43 -7.62 -14.55
CA TRP A 44 -9.37 -8.12 -15.91
C TRP A 44 -8.09 -8.94 -16.11
N ASN A 45 -8.25 -10.12 -16.70
CA ASN A 45 -7.14 -11.04 -16.96
C ASN A 45 -6.71 -10.98 -18.43
N PRO A 46 -5.45 -10.61 -18.69
CA PRO A 46 -4.90 -10.61 -20.05
C PRO A 46 -5.10 -11.94 -20.78
N ARG A 47 -5.13 -13.05 -20.04
CA ARG A 47 -5.34 -14.35 -20.66
C ARG A 47 -6.69 -14.42 -21.37
N ASP A 48 -7.66 -13.65 -20.87
CA ASP A 48 -8.99 -13.64 -21.49
C ASP A 48 -9.00 -12.87 -22.81
N PHE A 49 -7.94 -12.10 -23.06
CA PHE A 49 -7.86 -11.28 -24.27
C PHE A 49 -6.95 -11.89 -25.34
N THR A 50 -6.49 -13.12 -25.10
CA THR A 50 -5.69 -13.83 -26.10
C THR A 50 -6.57 -14.45 -27.17
N PHE A 51 -5.97 -14.81 -28.30
CA PHE A 51 -6.72 -15.42 -29.40
C PHE A 51 -6.10 -16.72 -29.91
N ASP A 52 -4.85 -17.00 -29.56
CA ASP A 52 -4.19 -18.19 -30.08
C ASP A 52 -4.80 -19.42 -29.42
N LYS A 53 -4.87 -20.51 -30.18
CA LYS A 53 -5.62 -21.69 -29.77
C LYS A 53 -5.03 -22.35 -26.73
N HIS A 54 -3.77 -21.95 -26.80
CA HIS A 54 -2.87 -22.07 -25.66
C HIS A 54 -2.86 -20.80 -24.84
N LYS A 55 -3.59 -19.78 -25.31
CA LYS A 55 -3.80 -18.55 -24.54
C LYS A 55 -2.48 -17.96 -24.05
N THR A 56 -1.59 -17.65 -24.98
CA THR A 56 -0.24 -17.19 -24.65
C THR A 56 -0.22 -15.76 -24.13
N VAL A 57 0.39 -15.57 -22.96
CA VAL A 57 0.39 -14.24 -22.35
C VAL A 57 1.80 -13.70 -22.15
N ASP A 58 2.82 -14.46 -22.56
CA ASP A 58 4.18 -13.94 -22.50
C ASP A 58 4.81 -13.89 -23.88
N ASP A 59 5.98 -13.27 -23.98
CA ASP A 59 6.64 -13.07 -25.26
C ASP A 59 8.14 -12.83 -25.06
N ARG A 60 8.93 -13.08 -26.10
CA ARG A 60 10.38 -13.00 -26.00
C ARG A 60 10.88 -11.55 -26.03
N PRO A 61 11.85 -11.24 -25.18
CA PRO A 61 12.42 -9.89 -25.15
C PRO A 61 13.38 -9.64 -26.32
N TYR A 62 13.24 -8.49 -26.98
CA TYR A 62 14.20 -8.10 -28.00
C TYR A 62 15.57 -7.90 -27.34
N GLY A 63 16.61 -8.28 -28.06
CA GLY A 63 17.97 -8.14 -27.55
C GLY A 63 18.43 -9.38 -26.81
N GLY A 64 17.52 -10.34 -26.65
CA GLY A 64 17.83 -11.56 -25.94
C GLY A 64 17.68 -11.38 -24.44
N GLY A 65 17.97 -12.45 -23.70
CA GLY A 65 17.82 -12.43 -22.26
C GLY A 65 17.27 -13.74 -21.75
N PRO A 66 17.46 -14.01 -20.45
CA PRO A 66 17.04 -15.27 -19.83
C PRO A 66 15.53 -15.42 -19.72
N GLY A 67 14.84 -14.33 -19.37
CA GLY A 67 13.42 -14.40 -19.07
C GLY A 67 12.48 -13.98 -20.19
N MET A 68 11.21 -13.81 -19.83
CA MET A 68 10.19 -13.42 -20.78
C MET A 68 9.50 -12.15 -20.35
N LEU A 69 8.77 -11.53 -21.27
CA LEU A 69 7.98 -10.36 -20.95
C LEU A 69 6.51 -10.64 -21.13
N MET A 70 5.67 -9.82 -20.51
CA MET A 70 4.25 -9.91 -20.75
CA MET A 70 4.23 -9.86 -20.75
C MET A 70 3.99 -9.56 -22.21
N MET A 71 3.19 -10.39 -22.87
CA MET A 71 2.84 -10.18 -24.26
C MET A 71 2.04 -8.89 -24.39
N VAL A 72 2.38 -8.07 -25.38
CA VAL A 72 1.80 -6.73 -25.50
C VAL A 72 0.30 -6.73 -25.80
N GLN A 73 -0.11 -7.44 -26.85
CA GLN A 73 -1.51 -7.36 -27.30
C GLN A 73 -2.56 -7.76 -26.24
N PRO A 74 -2.38 -8.92 -25.57
CA PRO A 74 -3.40 -9.24 -24.56
C PRO A 74 -3.43 -8.24 -23.41
N LEU A 75 -2.25 -7.77 -23.00
CA LEU A 75 -2.14 -6.84 -21.88
C LEU A 75 -2.70 -5.48 -22.28
N ARG A 76 -2.36 -5.02 -23.48
CA ARG A 76 -2.86 -3.76 -24.00
C ARG A 76 -4.39 -3.76 -24.07
N ASP A 77 -4.95 -4.86 -24.57
CA ASP A 77 -6.40 -4.96 -24.71
C ASP A 77 -7.10 -4.97 -23.35
N ALA A 78 -6.51 -5.67 -22.38
CA ALA A 78 -7.07 -5.73 -21.04
C ALA A 78 -7.09 -4.35 -20.40
N ILE A 79 -5.99 -3.61 -20.53
CA ILE A 79 -5.92 -2.26 -20.01
C ILE A 79 -6.97 -1.35 -20.64
N HIS A 80 -7.10 -1.42 -21.96
CA HIS A 80 -8.08 -0.59 -22.66
C HIS A 80 -9.50 -0.90 -22.19
N THR A 81 -9.76 -2.16 -21.91
CA THR A 81 -11.08 -2.57 -21.46
C THR A 81 -11.36 -2.00 -20.08
N ALA A 82 -10.37 -2.05 -19.21
CA ALA A 82 -10.49 -1.50 -17.86
C ALA A 82 -10.72 -0.01 -17.89
N LYS A 83 -9.98 0.70 -18.73
CA LYS A 83 -10.12 2.15 -18.88
C LYS A 83 -11.53 2.51 -19.32
N ALA A 84 -12.07 1.76 -20.28
CA ALA A 84 -13.41 2.01 -20.78
C ALA A 84 -14.44 1.79 -19.69
N ALA A 85 -14.22 0.78 -18.86
CA ALA A 85 -15.12 0.48 -17.75
C ALA A 85 -15.07 1.54 -16.66
N ALA A 86 -13.91 2.19 -16.53
CA ALA A 86 -13.71 3.20 -15.50
C ALA A 86 -14.26 4.56 -15.91
N GLY A 87 -14.17 4.86 -17.20
CA GLY A 87 -14.54 6.18 -17.70
C GLY A 87 -13.42 7.17 -17.48
N GLU A 88 -13.74 8.46 -17.56
CA GLU A 88 -12.75 9.52 -17.38
C GLU A 88 -12.41 9.72 -15.91
N GLY A 89 -11.16 10.09 -15.63
CA GLY A 89 -10.72 10.34 -14.28
C GLY A 89 -9.83 9.26 -13.69
N ALA A 90 -9.87 8.07 -14.29
CA ALA A 90 -9.11 6.94 -13.78
C ALA A 90 -7.60 7.11 -14.01
N LYS A 91 -6.83 7.02 -12.94
CA LYS A 91 -5.37 7.05 -13.02
C LYS A 91 -4.82 5.64 -13.13
N VAL A 92 -4.02 5.38 -14.16
CA VAL A 92 -3.45 4.05 -14.38
C VAL A 92 -2.06 3.94 -13.77
N ILE A 93 -1.91 2.97 -12.87
CA ILE A 93 -0.68 2.81 -12.10
C ILE A 93 0.02 1.48 -12.36
N TYR A 94 1.33 1.54 -12.55
CA TYR A 94 2.15 0.34 -12.73
C TYR A 94 3.05 0.13 -11.51
N LEU A 95 2.97 -1.05 -10.92
CA LEU A 95 3.77 -1.40 -9.73
C LEU A 95 5.09 -2.04 -10.14
N SER A 96 6.19 -1.41 -9.78
CA SER A 96 7.52 -1.95 -10.08
C SER A 96 8.57 -1.29 -9.21
N PRO A 97 9.76 -1.94 -9.06
CA PRO A 97 10.85 -1.36 -8.28
C PRO A 97 11.39 -0.05 -8.86
N GLN A 98 11.08 0.23 -10.12
CA GLN A 98 11.55 1.45 -10.78
C GLN A 98 10.61 2.62 -10.55
N GLY A 99 9.55 2.39 -9.78
CA GLY A 99 8.55 3.41 -9.52
C GLY A 99 8.87 4.32 -8.34
N ARG A 100 8.06 5.37 -8.19
CA ARG A 100 8.16 6.27 -7.05
C ARG A 100 7.92 5.51 -5.74
N LYS A 101 8.80 5.72 -4.77
CA LYS A 101 8.71 5.01 -3.49
C LYS A 101 7.44 5.37 -2.73
N LEU A 102 6.60 4.37 -2.46
CA LEU A 102 5.37 4.57 -1.71
C LEU A 102 5.64 4.81 -0.22
N ASP A 103 5.08 5.89 0.31
CA ASP A 103 5.03 6.09 1.76
C ASP A 103 3.63 6.59 2.13
N GLN A 104 3.43 6.92 3.40
CA GLN A 104 2.09 7.29 3.86
C GLN A 104 1.60 8.58 3.21
N GLY A 105 2.53 9.51 2.99
CA GLY A 105 2.20 10.72 2.25
C GLY A 105 1.74 10.38 0.84
N GLY A 106 2.41 9.42 0.23
CA GLY A 106 2.05 8.97 -1.11
C GLY A 106 0.72 8.25 -1.12
N VAL A 107 0.44 7.52 -0.05
CA VAL A 107 -0.84 6.82 0.08
C VAL A 107 -2.00 7.81 0.14
N THR A 108 -1.83 8.86 0.95
CA THR A 108 -2.84 9.92 1.05
C THR A 108 -3.07 10.60 -0.30
N GLU A 109 -2.02 10.76 -1.08
CA GLU A 109 -2.14 11.33 -2.42
C GLU A 109 -2.96 10.45 -3.34
N LEU A 110 -2.59 9.18 -3.41
CA LEU A 110 -3.31 8.21 -4.23
C LEU A 110 -4.75 8.03 -3.80
N ALA A 111 -4.99 8.16 -2.49
CA ALA A 111 -6.32 7.96 -1.92
C ALA A 111 -7.29 9.06 -2.34
N GLN A 112 -6.77 10.16 -2.87
CA GLN A 112 -7.63 11.25 -3.34
C GLN A 112 -8.35 10.85 -4.62
N ASN A 113 -7.80 9.89 -5.34
CA ASN A 113 -8.39 9.43 -6.59
C ASN A 113 -9.63 8.57 -6.36
N GLN A 114 -10.71 8.88 -7.07
CA GLN A 114 -11.93 8.10 -6.98
C GLN A 114 -11.79 6.79 -7.76
N LYS A 115 -10.97 6.83 -8.81
CA LYS A 115 -10.74 5.65 -9.65
C LYS A 115 -9.26 5.42 -9.85
N LEU A 116 -8.83 4.17 -9.67
CA LEU A 116 -7.48 3.75 -10.01
C LEU A 116 -7.54 2.50 -10.86
N ILE A 117 -6.53 2.34 -11.72
CA ILE A 117 -6.34 1.09 -12.43
C ILE A 117 -4.91 0.63 -12.17
N LEU A 118 -4.78 -0.56 -11.58
CA LEU A 118 -3.47 -1.07 -11.18
C LEU A 118 -3.02 -2.20 -12.10
N VAL A 119 -1.90 -1.98 -12.80
CA VAL A 119 -1.39 -2.98 -13.72
C VAL A 119 -0.32 -3.84 -13.03
N CYS A 120 -0.60 -5.13 -12.90
CA CYS A 120 0.32 -6.04 -12.21
C CYS A 120 1.20 -6.79 -13.20
N GLY A 121 2.49 -6.44 -13.19
CA GLY A 121 3.45 -7.11 -14.06
C GLY A 121 3.77 -8.51 -13.58
N ARG A 122 4.10 -9.39 -14.52
CA ARG A 122 4.63 -10.70 -14.21
C ARG A 122 5.86 -10.93 -15.08
N TYR A 123 6.55 -12.05 -14.83
CA TYR A 123 7.78 -12.38 -15.56
C TYR A 123 8.83 -11.28 -15.36
N GLU A 124 9.44 -10.82 -16.45
CA GLU A 124 10.48 -9.79 -16.34
C GLU A 124 9.90 -8.38 -16.42
N GLY A 125 8.61 -8.28 -16.68
CA GLY A 125 7.95 -6.98 -16.74
C GLY A 125 7.16 -6.76 -18.00
N ILE A 126 6.90 -5.50 -18.31
CA ILE A 126 6.10 -5.16 -19.48
C ILE A 126 6.89 -4.28 -20.45
N ASP A 127 6.41 -4.18 -21.68
CA ASP A 127 7.07 -3.38 -22.71
C ASP A 127 7.14 -1.91 -22.29
N GLU A 128 8.32 -1.33 -22.43
CA GLU A 128 8.57 0.07 -22.07
C GLU A 128 7.61 1.04 -22.76
N ARG A 129 7.24 0.73 -23.99
CA ARG A 129 6.35 1.61 -24.74
C ARG A 129 4.94 1.62 -24.16
N LEU A 130 4.55 0.50 -23.54
CA LEU A 130 3.27 0.46 -22.83
C LEU A 130 3.29 1.39 -21.62
N ILE A 131 4.43 1.48 -20.96
CA ILE A 131 4.55 2.38 -19.81
C ILE A 131 4.37 3.82 -20.31
N GLN A 132 4.94 4.12 -21.47
CA GLN A 132 4.85 5.47 -22.04
C GLN A 132 3.44 5.81 -22.50
N THR A 133 2.75 4.85 -23.09
CA THR A 133 1.45 5.12 -23.73
C THR A 133 0.25 4.83 -22.84
N GLU A 134 0.40 3.93 -21.88
CA GLU A 134 -0.76 3.50 -21.10
C GLU A 134 -0.67 3.82 -19.61
N ILE A 135 0.55 4.00 -19.10
CA ILE A 135 0.73 4.19 -17.65
C ILE A 135 0.91 5.67 -17.28
N ASP A 136 0.10 6.13 -16.34
CA ASP A 136 0.19 7.52 -15.88
C ASP A 136 1.29 7.69 -14.84
N GLU A 137 1.33 6.77 -13.88
CA GLU A 137 2.29 6.85 -12.78
C GLU A 137 2.87 5.48 -12.45
N GLU A 138 4.16 5.45 -12.11
CA GLU A 138 4.83 4.23 -11.69
C GLU A 138 5.20 4.33 -10.21
N TRP A 139 4.79 3.32 -9.42
CA TRP A 139 5.02 3.32 -7.98
C TRP A 139 5.71 2.06 -7.50
N SER A 140 6.45 2.17 -6.39
CA SER A 140 7.09 1.03 -5.75
C SER A 140 6.73 0.95 -4.26
N ILE A 141 6.47 -0.26 -3.76
CA ILE A 141 6.16 -0.41 -2.34
C ILE A 141 7.42 -0.60 -1.50
N GLY A 142 8.53 -0.89 -2.16
CA GLY A 142 9.80 -1.06 -1.46
C GLY A 142 10.95 -1.47 -2.35
N ASP A 143 12.17 -1.25 -1.87
CA ASP A 143 13.37 -1.60 -2.61
C ASP A 143 13.72 -3.08 -2.48
N TYR A 144 12.84 -3.93 -2.99
CA TYR A 144 13.07 -5.38 -3.04
C TYR A 144 12.38 -5.96 -4.27
N VAL A 145 12.75 -7.16 -4.66
CA VAL A 145 12.21 -7.74 -5.90
C VAL A 145 11.23 -8.87 -5.61
N LEU A 146 10.08 -8.82 -6.25
CA LEU A 146 9.03 -9.81 -6.07
C LEU A 146 8.74 -10.52 -7.37
N THR A 147 7.93 -11.59 -7.32
CA THR A 147 7.63 -12.39 -8.49
C THR A 147 6.52 -11.78 -9.35
N GLY A 148 5.77 -10.85 -8.78
CA GLY A 148 4.66 -10.25 -9.49
C GLY A 148 4.17 -8.98 -8.82
N GLY A 149 3.38 -8.20 -9.55
CA GLY A 149 2.89 -6.93 -9.05
C GLY A 149 1.61 -7.04 -8.24
N GLU A 150 1.08 -8.25 -8.11
CA GLU A 150 -0.17 -8.46 -7.38
C GLU A 150 -0.08 -8.11 -5.90
N LEU A 151 0.96 -8.59 -5.22
CA LEU A 151 1.12 -8.25 -3.80
C LEU A 151 1.32 -6.74 -3.61
N PRO A 152 2.16 -6.08 -4.44
CA PRO A 152 2.22 -4.62 -4.33
C PRO A 152 0.88 -3.91 -4.58
N ALA A 153 0.10 -4.40 -5.54
CA ALA A 153 -1.19 -3.80 -5.83
C ALA A 153 -2.13 -3.96 -4.65
N MET A 154 -2.13 -5.13 -4.02
CA MET A 154 -2.99 -5.38 -2.86
C MET A 154 -2.55 -4.56 -1.66
N THR A 155 -1.24 -4.41 -1.50
CA THR A 155 -0.68 -3.57 -0.46
C THR A 155 -1.17 -2.13 -0.62
N LEU A 156 -1.11 -1.62 -1.85
CA LEU A 156 -1.58 -0.28 -2.15
C LEU A 156 -3.08 -0.14 -1.85
N ILE A 157 -3.86 -1.12 -2.32
CA ILE A 157 -5.31 -1.10 -2.11
C ILE A 157 -5.64 -1.07 -0.62
N ASP A 158 -4.99 -1.95 0.14
CA ASP A 158 -5.19 -1.99 1.59
C ASP A 158 -4.86 -0.64 2.23
N ALA A 159 -3.75 -0.05 1.79
CA ALA A 159 -3.29 1.22 2.35
C ALA A 159 -4.28 2.35 2.09
N VAL A 160 -4.76 2.47 0.86
CA VAL A 160 -5.66 3.55 0.50
C VAL A 160 -7.08 3.31 1.03
N ALA A 161 -7.44 2.04 1.23
CA ALA A 161 -8.77 1.70 1.72
C ALA A 161 -9.02 2.29 3.11
N ARG A 162 -7.95 2.41 3.90
CA ARG A 162 -8.05 2.93 5.26
C ARG A 162 -8.53 4.38 5.29
N PHE A 163 -8.43 5.07 4.17
CA PHE A 163 -8.81 6.48 4.10
C PHE A 163 -10.24 6.66 3.59
N ILE A 164 -10.84 5.58 3.11
CA ILE A 164 -12.25 5.61 2.72
C ILE A 164 -13.11 5.71 3.97
N PRO A 165 -14.03 6.70 4.00
CA PRO A 165 -14.92 6.88 5.14
C PRO A 165 -15.76 5.64 5.45
N GLY A 166 -15.76 5.21 6.71
CA GLY A 166 -16.59 4.10 7.13
C GLY A 166 -15.88 2.76 7.12
N VAL A 167 -14.67 2.75 6.56
CA VAL A 167 -13.88 1.53 6.50
C VAL A 167 -13.27 1.21 7.87
N LEU A 168 -12.69 2.22 8.49
CA LEU A 168 -12.15 2.08 9.84
C LEU A 168 -13.19 2.46 10.90
N GLY A 169 -12.77 2.54 12.15
CA GLY A 169 -13.63 2.92 13.25
C GLY A 169 -13.30 4.29 13.80
N ASP A 181 1.40 10.51 12.77
CA ASP A 181 1.82 11.89 12.56
C ASP A 181 3.32 11.99 12.32
N GLY A 182 3.84 11.05 11.54
CA GLY A 182 5.26 11.04 11.21
C GLY A 182 6.11 10.26 12.19
N LEU A 183 5.51 9.86 13.31
CA LEU A 183 6.24 9.14 14.36
C LEU A 183 5.90 7.65 14.36
N LEU A 184 6.84 6.83 14.82
CA LEU A 184 6.55 5.42 15.04
C LEU A 184 5.51 5.29 16.15
N ASP A 185 4.79 4.17 16.16
CA ASP A 185 3.74 3.94 17.12
C ASP A 185 4.32 3.72 18.52
N CYS A 186 3.55 4.06 19.54
CA CYS A 186 3.92 3.77 20.92
C CYS A 186 3.64 2.29 21.22
N PRO A 187 4.30 1.75 22.26
CA PRO A 187 3.98 0.36 22.65
C PRO A 187 2.57 0.23 23.19
N HIS A 188 1.98 -0.95 23.03
CA HIS A 188 0.62 -1.21 23.48
C HIS A 188 0.60 -2.35 24.49
N TYR A 189 -0.36 -2.29 25.41
CA TYR A 189 -0.49 -3.33 26.43
C TYR A 189 -1.94 -3.74 26.63
N THR A 190 -2.15 -5.03 26.82
CA THR A 190 -3.47 -5.56 27.18
C THR A 190 -3.27 -6.63 28.26
N ARG A 191 -4.36 -7.30 28.63
CA ARG A 191 -4.32 -8.33 29.68
C ARG A 191 -3.34 -9.44 29.33
N PRO A 192 -2.65 -10.00 30.34
CA PRO A 192 -2.80 -9.71 31.78
C PRO A 192 -1.87 -8.60 32.27
N GLU A 193 -2.09 -8.18 33.51
CA GLU A 193 -1.30 -7.12 34.12
C GLU A 193 0.18 -7.53 34.23
N VAL A 194 0.41 -8.80 34.50
CA VAL A 194 1.77 -9.34 34.56
C VAL A 194 1.94 -10.49 33.57
N LEU A 195 2.92 -10.36 32.67
CA LEU A 195 3.17 -11.39 31.66
C LEU A 195 4.65 -11.79 31.68
N GLU A 196 4.92 -13.01 32.16
CA GLU A 196 6.28 -13.52 32.32
C GLU A 196 7.19 -12.55 33.06
N GLY A 197 6.68 -11.99 34.15
CA GLY A 197 7.46 -11.09 34.99
C GLY A 197 7.40 -9.64 34.55
N LEU A 198 6.87 -9.41 33.35
CA LEU A 198 6.82 -8.06 32.79
C LEU A 198 5.50 -7.39 33.12
N THR A 199 5.58 -6.24 33.78
CA THR A 199 4.38 -5.52 34.22
C THR A 199 3.99 -4.43 33.23
N VAL A 200 2.70 -4.10 33.23
CA VAL A 200 2.21 -2.96 32.45
C VAL A 200 2.68 -1.68 33.13
N PRO A 201 3.20 -0.72 32.35
CA PRO A 201 3.57 0.59 32.89
C PRO A 201 2.42 1.20 33.72
N PRO A 202 2.71 1.55 34.99
CA PRO A 202 1.71 2.05 35.94
C PRO A 202 0.88 3.22 35.41
N VAL A 203 1.45 4.07 34.57
CA VAL A 203 0.74 5.24 34.06
C VAL A 203 -0.50 4.83 33.27
N LEU A 204 -0.44 3.68 32.59
CA LEU A 204 -1.56 3.20 31.79
C LEU A 204 -2.68 2.66 32.68
N MET A 205 -2.35 2.38 33.94
CA MET A 205 -3.35 1.90 34.90
C MET A 205 -3.91 3.06 35.72
N SER A 206 -3.27 4.21 35.64
CA SER A 206 -3.57 5.35 36.50
C SER A 206 -4.95 5.97 36.28
N GLY A 207 -5.42 5.93 35.04
CA GLY A 207 -6.70 6.53 34.71
C GLY A 207 -6.59 8.02 34.42
N HIS A 208 -5.35 8.53 34.42
CA HIS A 208 -5.10 9.93 34.12
C HIS A 208 -4.82 10.09 32.62
N HIS A 209 -5.84 10.50 31.89
CA HIS A 209 -5.77 10.53 30.43
C HIS A 209 -4.68 11.44 29.89
N GLU A 210 -4.43 12.55 30.58
CA GLU A 210 -3.42 13.50 30.12
C GLU A 210 -2.01 12.92 30.25
N GLU A 211 -1.73 12.29 31.38
CA GLU A 211 -0.44 11.64 31.61
C GLU A 211 -0.23 10.50 30.62
N ILE A 212 -1.31 9.79 30.31
CA ILE A 212 -1.26 8.67 29.37
C ILE A 212 -0.95 9.16 27.96
N ARG A 213 -1.59 10.26 27.57
CA ARG A 213 -1.34 10.85 26.26
C ARG A 213 0.12 11.26 26.12
N LYS A 214 0.64 11.91 27.15
CA LYS A 214 2.02 12.42 27.11
C LYS A 214 3.04 11.28 27.14
N TRP A 215 2.75 10.23 27.89
CA TRP A 215 3.64 9.08 27.94
C TRP A 215 3.70 8.39 26.58
N ARG A 216 2.54 8.21 25.96
CA ARG A 216 2.47 7.58 24.64
C ARG A 216 3.22 8.40 23.60
N LEU A 217 3.04 9.71 23.65
CA LEU A 217 3.71 10.61 22.72
C LEU A 217 5.21 10.59 22.93
N LYS A 218 5.63 10.57 24.20
CA LYS A 218 7.05 10.50 24.55
C LYS A 218 7.66 9.19 24.08
N GLN A 219 6.90 8.10 24.23
CA GLN A 219 7.36 6.80 23.78
C GLN A 219 7.55 6.76 22.26
N SER A 220 6.58 7.33 21.54
CA SER A 220 6.67 7.42 20.09
C SER A 220 7.89 8.23 19.68
N LEU A 221 8.12 9.33 20.39
CA LEU A 221 9.27 10.18 20.14
C LEU A 221 10.56 9.44 20.41
N GLN A 222 10.63 8.72 21.52
CA GLN A 222 11.82 7.96 21.88
C GLN A 222 12.11 6.85 20.87
N ARG A 223 11.08 6.10 20.50
CA ARG A 223 11.25 4.98 19.57
C ARG A 223 11.65 5.46 18.18
N THR A 224 11.08 6.59 17.74
CA THR A 224 11.44 7.13 16.43
C THR A 224 12.89 7.56 16.42
N TRP A 225 13.32 8.21 17.50
CA TRP A 225 14.69 8.67 17.64
C TRP A 225 15.69 7.53 17.65
N LEU A 226 15.36 6.46 18.37
CA LEU A 226 16.27 5.32 18.52
C LEU A 226 16.29 4.42 17.29
N ARG A 227 15.14 4.23 16.66
CA ARG A 227 15.04 3.29 15.54
C ARG A 227 15.15 3.95 14.17
N ARG A 228 14.51 5.12 14.02
CA ARG A 228 14.44 5.78 12.71
C ARG A 228 14.74 7.28 12.82
N PRO A 229 15.99 7.63 13.16
CA PRO A 229 16.36 9.03 13.42
C PRO A 229 16.07 9.96 12.25
N GLU A 230 16.16 9.44 11.02
CA GLU A 230 15.99 10.26 9.84
C GLU A 230 14.55 10.77 9.70
N LEU A 231 13.59 10.05 10.29
CA LEU A 231 12.20 10.46 10.23
C LEU A 231 11.96 11.74 11.04
N LEU A 232 12.78 11.94 12.06
CA LEU A 232 12.68 13.12 12.91
C LEU A 232 13.12 14.38 12.19
N GLU A 233 14.05 14.23 11.25
CA GLU A 233 14.57 15.36 10.49
C GLU A 233 13.49 16.01 9.65
N GLY A 234 12.57 15.18 9.14
CA GLY A 234 11.51 15.65 8.26
C GLY A 234 10.33 16.24 8.99
N LEU A 235 10.47 16.42 10.30
CA LEU A 235 9.37 16.91 11.12
C LEU A 235 9.70 18.22 11.81
N ALA A 236 8.69 19.07 11.94
CA ALA A 236 8.77 20.26 12.77
C ALA A 236 8.02 19.98 14.07
N LEU A 237 8.76 19.59 15.09
CA LEU A 237 8.15 19.19 16.35
C LEU A 237 7.47 20.35 17.05
N THR A 238 6.34 20.06 17.70
CA THR A 238 5.70 21.05 18.54
C THR A 238 6.55 21.31 19.77
N ASP A 239 6.22 22.36 20.52
CA ASP A 239 6.93 22.67 21.76
C ASP A 239 6.91 21.47 22.69
N GLU A 240 5.74 20.85 22.80
CA GLU A 240 5.56 19.69 23.68
C GLU A 240 6.40 18.51 23.21
N GLN A 241 6.44 18.29 21.90
CA GLN A 241 7.22 17.18 21.34
C GLN A 241 8.71 17.38 21.55
N ARG A 242 9.18 18.61 21.38
CA ARG A 242 10.59 18.93 21.60
C ARG A 242 10.98 18.65 23.05
N LYS A 243 10.11 19.00 23.98
CA LYS A 243 10.35 18.77 25.41
C LYS A 243 10.37 17.29 25.78
N LEU A 244 9.35 16.56 25.32
CA LEU A 244 9.24 15.14 25.64
C LEU A 244 10.41 14.36 25.04
N LEU A 245 10.81 14.73 23.82
CA LEU A 245 11.96 14.10 23.18
C LEU A 245 13.25 14.39 23.95
N LYS A 246 13.39 15.63 24.42
CA LYS A 246 14.55 16.01 25.23
C LYS A 246 14.58 15.18 26.51
N GLU A 247 13.43 15.03 27.15
CA GLU A 247 13.31 14.21 28.34
C GLU A 247 13.75 12.77 28.06
N ALA A 248 13.25 12.19 26.97
CA ALA A 248 13.55 10.82 26.61
C ALA A 248 15.04 10.62 26.36
N GLN A 249 15.67 11.57 25.67
CA GLN A 249 17.09 11.49 25.37
C GLN A 249 17.95 11.69 26.62
N ALA A 250 17.42 12.44 27.59
CA ALA A 250 18.11 12.63 28.85
C ALA A 250 18.03 11.36 29.71
N GLU A 251 16.86 10.71 29.68
CA GLU A 251 16.66 9.48 30.42
C GLU A 251 17.44 8.34 29.81
N HIS A 252 17.58 8.36 28.48
CA HIS A 252 18.33 7.34 27.77
C HIS A 252 19.81 7.43 28.11
N ASN A 253 20.26 8.63 28.47
CA ASN A 253 21.63 8.83 28.89
C ASN A 253 21.80 8.62 30.40
N1 4GY B . 9.07 -3.93 -5.36
N3 4GY B . 7.19 -2.48 -5.82
C6 4GY B . 7.37 -4.35 -7.04
C7 4GY B . 7.82 -5.59 -7.56
C10 4GY B . 7.27 -7.35 -9.10
C13 4GY B . 7.15 -6.05 -12.66
C15 4GY B . 8.31 -8.23 -12.63
C2 4GY B . 7.94 -3.57 -6.00
O4 4GY B . 6.15 -2.60 -6.74
N5 4GY B . 6.26 -3.76 -7.49
O8 4GY B . 8.82 -6.16 -7.12
N9 4GY B . 7.04 -6.03 -8.60
C11 4GY B . 7.23 -7.39 -10.61
C12 4GY B . 7.25 -5.98 -11.16
C14 4GY B . 8.32 -6.84 -13.22
C16 4GY B . 8.41 -8.15 -11.14
#